data_3L5K
#
_entry.id   3L5K
#
_cell.length_a   85.190
_cell.length_b   85.190
_cell.length_c   103.030
_cell.angle_alpha   90.00
_cell.angle_beta   90.00
_cell.angle_gamma   120.00
#
_symmetry.space_group_name_H-M   'P 31 2 1'
#
loop_
_entity.id
_entity.type
_entity.pdbx_description
1 polymer 'Haloacid dehalogenase-like hydrolase domain-containing protein 1A'
2 non-polymer 'POTASSIUM ION'
3 non-polymer GLYCEROL
4 non-polymer 'CHLORIDE ION'
5 water water
#
_entity_poly.entity_id   1
_entity_poly.type   'polypeptide(L)'
_entity_poly.pdbx_seq_one_letter_code
;MHHHHHHSSGVDLGTENLYFQSMAAPPQPVTHLIFDMDGLLLDTERLYSVVFQEICNRYDKKYSWDVKSLVMGKKALEAA
QIIIDVLQLPMSKEELVEESQTKLKEVFPTAALMPGAEKLIIHLRKHGIPFALATSSRSASFDMKTSRHKEFFSLFSHIV
LGDDPEVQHGKPDPDIFLACAKRFSPPPAMEKCLVFEDAPNGVEAALAAGMQVVMVPDGNLSRDLTTKATLVLNSLQDFQ
PELFGLPSYE
;
_entity_poly.pdbx_strand_id   A
#
loop_
_chem_comp.id
_chem_comp.type
_chem_comp.name
_chem_comp.formula
CL non-polymer 'CHLORIDE ION' 'Cl -1'
GOL non-polymer GLYCEROL 'C3 H8 O3'
K non-polymer 'POTASSIUM ION' 'K 1'
#
# COMPACT_ATOMS: atom_id res chain seq x y z
N LEU A 18 0.19 -19.52 -13.37
CA LEU A 18 -0.24 -18.32 -12.55
C LEU A 18 -1.76 -18.04 -12.68
N TYR A 19 -2.36 -17.80 -11.51
CA TYR A 19 -3.81 -17.81 -11.27
C TYR A 19 -4.16 -16.41 -10.70
N PHE A 20 -5.23 -15.81 -11.20
CA PHE A 20 -5.80 -14.64 -10.59
C PHE A 20 -7.11 -14.93 -9.93
N GLN A 21 -7.44 -14.06 -9.00
CA GLN A 21 -8.66 -14.18 -8.20
C GLN A 21 -9.76 -13.50 -9.03
N SER A 22 -9.43 -12.51 -9.86
CA SER A 22 -10.42 -11.89 -10.68
C SER A 22 -9.89 -10.69 -11.46
N MET A 23 -10.70 -10.33 -12.45
CA MET A 23 -10.46 -9.24 -13.36
C MET A 23 -11.81 -8.46 -13.57
N ALA A 24 -11.78 -7.14 -13.45
CA ALA A 24 -12.95 -6.30 -13.65
C ALA A 24 -13.07 -5.92 -15.12
N ALA A 25 -11.98 -5.94 -15.86
CA ALA A 25 -11.99 -5.43 -17.21
C ALA A 25 -10.79 -5.99 -17.92
N PRO A 26 -10.86 -6.04 -19.24
CA PRO A 26 -9.69 -6.57 -19.96
C PRO A 26 -8.46 -5.67 -19.76
N PRO A 27 -7.33 -6.25 -19.40
CA PRO A 27 -6.04 -5.53 -19.28
C PRO A 27 -5.66 -4.80 -20.57
N GLN A 28 -5.23 -3.55 -20.44
CA GLN A 28 -4.74 -2.73 -21.53
C GLN A 28 -3.25 -2.52 -21.34
N PRO A 29 -2.49 -2.37 -22.46
CA PRO A 29 -1.04 -2.17 -22.35
C PRO A 29 -0.66 -0.93 -21.55
N VAL A 30 0.41 -1.07 -20.75
CA VAL A 30 0.93 0.00 -19.95
C VAL A 30 2.40 0.22 -20.26
N THR A 31 2.92 1.38 -19.86
CA THR A 31 4.35 1.71 -20.00
C THR A 31 5.02 2.03 -18.67
N HIS A 32 4.25 2.41 -17.66
CA HIS A 32 4.81 2.97 -16.42
C HIS A 32 4.08 2.37 -15.26
N LEU A 33 4.82 1.99 -14.21
CA LEU A 33 4.24 1.35 -13.05
C LEU A 33 4.42 2.20 -11.78
N ILE A 34 3.41 2.18 -10.91
CA ILE A 34 3.43 2.86 -9.63
C ILE A 34 3.08 1.88 -8.54
N PHE A 35 3.95 1.78 -7.55
CA PHE A 35 3.74 0.88 -6.42
C PHE A 35 3.41 1.61 -5.15
N ASP A 36 2.31 1.24 -4.53
CA ASP A 36 2.11 1.67 -3.12
C ASP A 36 3.04 0.91 -2.21
N MET A 37 3.55 1.54 -1.16
CA MET A 37 4.60 0.86 -0.37
C MET A 37 3.97 0.01 0.73
N ASP A 38 3.13 0.65 1.50
CA ASP A 38 2.63 0.05 2.75
C ASP A 38 1.67 -1.08 2.37
N GLY A 39 1.91 -2.28 2.83
CA GLY A 39 0.97 -3.39 2.67
C GLY A 39 1.19 -4.20 1.40
N LEU A 40 1.70 -3.53 0.37
CA LEU A 40 1.93 -4.11 -0.93
C LEU A 40 3.38 -4.51 -1.09
N LEU A 41 4.31 -3.55 -0.92
CA LEU A 41 5.75 -3.89 -0.91
C LEU A 41 6.30 -4.35 0.45
N LEU A 42 5.82 -3.77 1.54
CA LEU A 42 6.33 -4.09 2.87
C LEU A 42 5.20 -4.61 3.74
N ASP A 43 5.50 -5.51 4.68
CA ASP A 43 4.50 -6.13 5.58
C ASP A 43 4.14 -5.27 6.77
N THR A 44 3.90 -4.00 6.50
CA THR A 44 3.55 -3.04 7.56
C THR A 44 2.21 -3.35 8.20
N GLU A 45 1.27 -3.94 7.46
CA GLU A 45 0.00 -4.29 8.07
C GLU A 45 0.16 -5.32 9.18
N ARG A 46 1.07 -6.27 9.01
CA ARG A 46 1.38 -7.23 10.07
C ARG A 46 1.92 -6.52 11.31
N LEU A 47 2.73 -5.48 11.11
CA LEU A 47 3.34 -4.76 12.22
C LEU A 47 2.29 -3.98 12.99
N TYR A 48 1.38 -3.33 12.30
CA TYR A 48 0.27 -2.67 12.99
C TYR A 48 -0.54 -3.65 13.81
N SER A 49 -0.82 -4.81 13.23
CA SER A 49 -1.60 -5.81 13.93
CA SER A 49 -1.58 -5.83 13.91
C SER A 49 -0.87 -6.38 15.16
N VAL A 50 0.43 -6.62 15.07
CA VAL A 50 1.19 -7.08 16.24
C VAL A 50 1.08 -6.08 17.38
N VAL A 51 1.29 -4.79 17.08
CA VAL A 51 1.29 -3.75 18.09
C VAL A 51 -0.08 -3.52 18.69
N PHE A 52 -1.11 -3.33 17.85
CA PHE A 52 -2.45 -3.23 18.42
C PHE A 52 -2.88 -4.46 19.18
N GLN A 53 -2.53 -5.64 18.69
CA GLN A 53 -2.86 -6.83 19.43
C GLN A 53 -2.20 -6.91 20.82
N GLU A 54 -0.93 -6.51 20.93
CA GLU A 54 -0.21 -6.46 22.21
C GLU A 54 -0.97 -5.55 23.20
N ILE A 55 -1.38 -4.36 22.76
CA ILE A 55 -2.14 -3.45 23.59
C ILE A 55 -3.49 -4.08 24.02
N CYS A 56 -4.26 -4.55 23.05
CA CYS A 56 -5.53 -5.18 23.33
C CYS A 56 -5.43 -6.39 24.26
N ASN A 57 -4.38 -7.19 24.17
CA ASN A 57 -4.15 -8.30 25.11
C ASN A 57 -4.28 -7.95 26.58
N ARG A 58 -3.79 -6.77 26.90
CA ARG A 58 -3.75 -6.27 28.27
C ARG A 58 -5.18 -6.24 28.84
N TYR A 59 -6.15 -5.99 27.97
CA TYR A 59 -7.55 -5.95 28.33
C TYR A 59 -8.33 -7.20 27.94
N ASP A 60 -7.66 -8.29 27.54
CA ASP A 60 -8.35 -9.53 27.09
C ASP A 60 -9.29 -9.25 25.92
N LYS A 61 -8.86 -8.37 25.02
CA LYS A 61 -9.65 -8.05 23.85
C LYS A 61 -8.86 -8.51 22.61
N LYS A 62 -9.60 -8.80 21.54
CA LYS A 62 -9.05 -9.30 20.30
C LYS A 62 -9.10 -8.18 19.27
N TYR A 63 -7.93 -7.78 18.79
CA TYR A 63 -7.88 -6.90 17.62
C TYR A 63 -8.12 -7.75 16.34
N SER A 64 -9.38 -7.94 16.00
CA SER A 64 -9.75 -8.93 14.99
C SER A 64 -9.71 -8.31 13.59
N TRP A 65 -9.87 -9.14 12.60
CA TRP A 65 -10.00 -8.64 11.23
C TRP A 65 -11.19 -7.65 11.09
N ASP A 66 -12.33 -7.97 11.68
CA ASP A 66 -13.50 -7.11 11.55
C ASP A 66 -13.21 -5.72 12.12
N VAL A 67 -12.54 -5.67 13.28
CA VAL A 67 -12.14 -4.41 13.89
C VAL A 67 -11.15 -3.63 13.00
N LYS A 68 -10.13 -4.32 12.47
CA LYS A 68 -9.17 -3.71 11.53
C LYS A 68 -9.92 -3.12 10.35
N SER A 69 -10.87 -3.86 9.80
CA SER A 69 -11.54 -3.42 8.60
C SER A 69 -12.23 -2.06 8.83
N LEU A 70 -12.72 -1.80 10.05
CA LEU A 70 -13.46 -0.54 10.37
C LEU A 70 -12.55 0.71 10.47
N VAL A 71 -11.26 0.49 10.63
CA VAL A 71 -10.29 1.57 10.74
C VAL A 71 -9.36 1.65 9.54
N MET A 72 -9.48 0.74 8.58
CA MET A 72 -8.77 0.87 7.31
C MET A 72 -9.10 2.22 6.68
N GLY A 73 -8.07 2.94 6.28
CA GLY A 73 -8.25 4.21 5.62
C GLY A 73 -8.50 5.40 6.54
N LYS A 74 -8.44 5.17 7.86
CA LYS A 74 -8.71 6.22 8.83
C LYS A 74 -7.40 6.82 9.29
N LYS A 75 -7.39 8.10 9.63
CA LYS A 75 -6.24 8.70 10.32
C LYS A 75 -6.14 8.09 11.72
N ALA A 76 -4.96 8.21 12.33
CA ALA A 76 -4.61 7.58 13.60
C ALA A 76 -5.56 7.90 14.76
N LEU A 77 -5.87 9.18 15.00
CA LEU A 77 -6.81 9.55 16.08
C LEU A 77 -8.18 8.93 15.89
N GLU A 78 -8.64 8.91 14.65
CA GLU A 78 -9.97 8.45 14.29
C GLU A 78 -10.06 6.95 14.44
N ALA A 79 -9.05 6.25 13.96
CA ALA A 79 -8.91 4.82 14.18
C ALA A 79 -8.86 4.50 15.67
N ALA A 80 -8.11 5.26 16.45
CA ALA A 80 -7.96 4.98 17.88
C ALA A 80 -9.35 5.07 18.55
N GLN A 81 -10.13 6.10 18.26
CA GLN A 81 -11.43 6.27 18.89
C GLN A 81 -12.38 5.09 18.58
N ILE A 82 -12.31 4.56 17.36
CA ILE A 82 -13.15 3.45 16.94
C ILE A 82 -12.76 2.17 17.66
N ILE A 83 -11.46 1.93 17.76
CA ILE A 83 -10.97 0.74 18.43
C ILE A 83 -11.41 0.81 19.89
N ILE A 84 -11.26 1.98 20.51
CA ILE A 84 -11.61 2.16 21.91
C ILE A 84 -13.10 1.93 22.14
N ASP A 85 -13.91 2.47 21.25
CA ASP A 85 -15.36 2.28 21.37
C ASP A 85 -15.77 0.80 21.18
N VAL A 86 -15.27 0.15 20.13
CA VAL A 86 -15.82 -1.15 19.79
C VAL A 86 -15.28 -2.22 20.71
N LEU A 87 -14.05 -2.01 21.20
CA LEU A 87 -13.45 -2.95 22.16
C LEU A 87 -13.64 -2.54 23.63
N GLN A 88 -14.28 -1.39 23.87
CA GLN A 88 -14.54 -0.89 25.21
C GLN A 88 -13.23 -0.74 26.02
N LEU A 89 -12.27 -0.04 25.46
CA LEU A 89 -10.98 0.13 26.11
C LEU A 89 -11.04 1.35 27.03
N PRO A 90 -10.28 1.34 28.14
CA PRO A 90 -10.50 2.46 29.04
C PRO A 90 -9.67 3.73 28.75
N MET A 91 -8.78 3.73 27.76
CA MET A 91 -7.93 4.91 27.59
C MET A 91 -8.53 5.93 26.60
N SER A 92 -7.96 7.14 26.58
CA SER A 92 -8.33 8.14 25.59
C SER A 92 -7.70 7.82 24.24
N LYS A 93 -8.35 8.24 23.16
CA LYS A 93 -7.74 8.12 21.85
C LYS A 93 -6.31 8.70 21.79
N GLU A 94 -6.05 9.82 22.47
CA GLU A 94 -4.71 10.44 22.42
C GLU A 94 -3.66 9.55 23.09
N GLU A 95 -4.07 8.87 24.16
CA GLU A 95 -3.21 7.94 24.86
C GLU A 95 -2.93 6.71 24.03
N LEU A 96 -3.97 6.12 23.44
CA LEU A 96 -3.77 5.00 22.50
C LEU A 96 -2.86 5.31 21.29
N VAL A 97 -3.02 6.50 20.70
CA VAL A 97 -2.17 6.94 19.61
C VAL A 97 -0.71 7.08 20.09
N GLU A 98 -0.51 7.69 21.25
CA GLU A 98 0.84 7.89 21.82
C GLU A 98 1.51 6.54 22.06
N GLU A 99 0.80 5.59 22.68
CA GLU A 99 1.35 4.28 22.98
C GLU A 99 1.63 3.46 21.73
N SER A 100 0.65 3.38 20.85
CA SER A 100 0.85 2.62 19.63
C SER A 100 1.96 3.22 18.73
N GLN A 101 2.01 4.56 18.58
CA GLN A 101 3.04 5.18 17.72
CA GLN A 101 3.04 5.21 17.73
C GLN A 101 4.42 5.00 18.33
N THR A 102 4.50 4.99 19.67
CA THR A 102 5.79 4.69 20.33
C THR A 102 6.28 3.26 20.02
N LYS A 103 5.38 2.29 20.12
CA LYS A 103 5.73 0.91 19.82
C LYS A 103 5.99 0.67 18.32
N LEU A 104 5.25 1.36 17.45
CA LEU A 104 5.45 1.23 16.01
C LEU A 104 6.82 1.77 15.59
N LYS A 105 7.26 2.85 16.21
CA LYS A 105 8.59 3.40 15.98
C LYS A 105 9.64 2.35 16.21
N GLU A 106 9.45 1.49 17.24
CA GLU A 106 10.41 0.41 17.50
C GLU A 106 10.27 -0.78 16.54
N VAL A 107 9.09 -1.10 16.07
CA VAL A 107 8.96 -2.26 15.17
C VAL A 107 9.09 -1.96 13.64
N PHE A 108 8.87 -0.70 13.25
CA PHE A 108 8.85 -0.33 11.83
C PHE A 108 10.12 -0.75 11.08
N PRO A 109 11.31 -0.60 11.70
CA PRO A 109 12.49 -0.96 10.96
C PRO A 109 12.60 -2.44 10.65
N THR A 110 11.82 -3.28 11.33
CA THR A 110 11.78 -4.74 11.08
C THR A 110 10.85 -5.16 9.95
N ALA A 111 10.23 -4.19 9.26
CA ALA A 111 9.40 -4.43 8.09
C ALA A 111 10.12 -5.28 7.04
N ALA A 112 9.40 -6.25 6.49
CA ALA A 112 9.96 -7.22 5.57
C ALA A 112 9.32 -6.98 4.23
N LEU A 113 10.07 -7.20 3.16
CA LEU A 113 9.54 -7.12 1.82
C LEU A 113 8.57 -8.25 1.54
N MET A 114 7.47 -7.92 0.88
CA MET A 114 6.42 -8.88 0.62
C MET A 114 6.82 -9.86 -0.50
N PRO A 115 6.25 -11.09 -0.51
CA PRO A 115 6.56 -12.11 -1.53
C PRO A 115 6.36 -11.60 -2.95
N GLY A 116 7.36 -11.81 -3.81
CA GLY A 116 7.26 -11.37 -5.20
C GLY A 116 7.71 -9.96 -5.53
N ALA A 117 7.89 -9.13 -4.52
CA ALA A 117 8.28 -7.74 -4.70
C ALA A 117 9.69 -7.62 -5.28
N GLU A 118 10.68 -8.28 -4.69
CA GLU A 118 12.07 -8.21 -5.21
C GLU A 118 12.19 -8.73 -6.63
N LYS A 119 11.58 -9.89 -6.90
CA LYS A 119 11.57 -10.44 -8.25
C LYS A 119 11.04 -9.48 -9.33
N LEU A 120 9.92 -8.83 -9.03
CA LEU A 120 9.24 -8.00 -9.99
C LEU A 120 10.05 -6.74 -10.26
N ILE A 121 10.55 -6.12 -9.20
CA ILE A 121 11.41 -4.94 -9.34
C ILE A 121 12.67 -5.24 -10.12
N ILE A 122 13.34 -6.37 -9.88
CA ILE A 122 14.49 -6.70 -10.67
C ILE A 122 14.15 -6.89 -12.12
N HIS A 123 13.00 -7.50 -12.38
CA HIS A 123 12.56 -7.75 -13.74
C HIS A 123 12.30 -6.43 -14.47
N LEU A 124 11.67 -5.47 -13.79
CA LEU A 124 11.40 -4.17 -14.36
C LEU A 124 12.68 -3.42 -14.67
N ARG A 125 13.63 -3.44 -13.73
CA ARG A 125 14.92 -2.84 -13.98
C ARG A 125 15.64 -3.45 -15.17
N LYS A 126 15.64 -4.77 -15.25
CA LYS A 126 16.29 -5.47 -16.36
C LYS A 126 15.76 -5.02 -17.75
N HIS A 127 14.45 -4.90 -17.83
CA HIS A 127 13.81 -4.49 -19.09
C HIS A 127 13.65 -2.96 -19.25
N GLY A 128 14.19 -2.17 -18.32
CA GLY A 128 14.11 -0.71 -18.40
C GLY A 128 12.69 -0.15 -18.31
N ILE A 129 11.79 -0.82 -17.59
CA ILE A 129 10.43 -0.37 -17.46
C ILE A 129 10.43 0.68 -16.35
N PRO A 130 9.95 1.91 -16.63
CA PRO A 130 9.97 2.91 -15.53
C PRO A 130 8.95 2.58 -14.45
N PHE A 131 9.34 2.76 -13.19
CA PHE A 131 8.45 2.54 -12.06
C PHE A 131 8.79 3.45 -10.91
N ALA A 132 7.78 3.75 -10.11
CA ALA A 132 7.97 4.70 -9.03
C ALA A 132 7.13 4.25 -7.84
N LEU A 133 7.36 4.93 -6.73
CA LEU A 133 6.81 4.56 -5.46
C LEU A 133 5.92 5.67 -4.98
N ALA A 134 4.75 5.32 -4.48
CA ALA A 134 3.83 6.27 -3.89
C ALA A 134 3.46 5.73 -2.51
N THR A 135 3.22 6.60 -1.55
CA THR A 135 2.85 6.10 -0.23
C THR A 135 2.12 7.15 0.56
N SER A 136 1.23 6.70 1.46
CA SER A 136 0.55 7.68 2.34
C SER A 136 1.43 8.03 3.52
N SER A 137 2.50 7.25 3.76
CA SER A 137 3.43 7.59 4.87
C SER A 137 4.18 8.90 4.59
N ARG A 138 4.42 9.64 5.65
CA ARG A 138 5.26 10.83 5.64
C ARG A 138 6.72 10.43 5.92
N SER A 139 7.60 11.41 5.95
CA SER A 139 9.05 11.20 6.01
C SER A 139 9.52 10.32 7.13
N ALA A 140 9.13 10.66 8.36
CA ALA A 140 9.57 9.94 9.56
C ALA A 140 9.24 8.46 9.47
N SER A 141 8.00 8.10 9.17
CA SER A 141 7.68 6.69 9.10
C SER A 141 8.29 6.04 7.88
N PHE A 142 8.31 6.74 6.76
CA PHE A 142 8.97 6.20 5.60
C PHE A 142 10.45 5.82 5.89
N ASP A 143 11.16 6.68 6.61
CA ASP A 143 12.58 6.46 6.90
C ASP A 143 12.76 5.27 7.83
N MET A 144 11.90 5.14 8.83
CA MET A 144 11.96 3.98 9.72
C MET A 144 11.66 2.68 8.97
N LYS A 145 10.58 2.67 8.19
CA LYS A 145 10.15 1.46 7.53
C LYS A 145 11.14 0.96 6.45
N THR A 146 11.79 1.88 5.77
CA THR A 146 12.72 1.53 4.72
C THR A 146 14.19 1.47 5.18
N SER A 147 14.43 1.65 6.49
CA SER A 147 15.81 1.81 6.99
C SER A 147 16.70 0.62 6.70
N ARG A 148 16.15 -0.58 6.58
CA ARG A 148 16.96 -1.77 6.27
C ARG A 148 16.80 -2.20 4.79
N HIS A 149 16.16 -1.37 3.97
CA HIS A 149 15.92 -1.69 2.58
C HIS A 149 16.34 -0.57 1.62
N LYS A 150 17.36 0.18 2.00
CA LYS A 150 17.71 1.37 1.21
C LYS A 150 18.12 1.02 -0.21
N GLU A 151 18.79 -0.13 -0.39
CA GLU A 151 19.26 -0.50 -1.70
C GLU A 151 18.05 -0.81 -2.59
N PHE A 152 17.05 -1.50 -2.06
CA PHE A 152 15.88 -1.83 -2.85
C PHE A 152 15.13 -0.55 -3.20
N PHE A 153 14.97 0.32 -2.20
CA PHE A 153 14.20 1.55 -2.48
C PHE A 153 14.91 2.53 -3.43
N SER A 154 16.24 2.41 -3.57
CA SER A 154 16.98 3.24 -4.51
C SER A 154 16.73 2.83 -5.96
N LEU A 155 16.09 1.68 -6.19
CA LEU A 155 15.87 1.23 -7.53
C LEU A 155 14.70 1.97 -8.20
N PHE A 156 13.85 2.65 -7.41
CA PHE A 156 12.63 3.30 -7.95
C PHE A 156 13.03 4.65 -8.57
N SER A 157 12.38 5.08 -9.66
CA SER A 157 12.68 6.35 -10.33
CA SER A 157 12.72 6.34 -10.32
C SER A 157 12.52 7.55 -9.39
N HIS A 158 11.46 7.53 -8.60
CA HIS A 158 11.17 8.59 -7.67
C HIS A 158 10.17 8.07 -6.66
N ILE A 159 10.04 8.83 -5.58
CA ILE A 159 9.19 8.50 -4.47
C ILE A 159 8.28 9.70 -4.15
N VAL A 160 6.98 9.47 -3.97
CA VAL A 160 6.04 10.49 -3.52
C VAL A 160 5.47 10.06 -2.18
N LEU A 161 5.69 10.89 -1.18
CA LEU A 161 5.21 10.64 0.16
C LEU A 161 3.87 11.34 0.41
N GLY A 162 3.24 10.95 1.51
CA GLY A 162 1.89 11.40 1.85
C GLY A 162 1.79 12.89 2.12
N ASP A 163 2.91 13.49 2.57
CA ASP A 163 3.10 14.96 2.88
C ASP A 163 3.62 15.77 1.66
N ASP A 164 3.55 15.22 0.45
CA ASP A 164 4.16 15.86 -0.70
C ASP A 164 3.42 17.16 -1.00
N PRO A 165 4.16 18.21 -1.37
CA PRO A 165 3.57 19.51 -1.67
C PRO A 165 2.44 19.49 -2.72
N GLU A 166 2.54 18.60 -3.69
CA GLU A 166 1.55 18.54 -4.79
C GLU A 166 0.33 17.65 -4.45
N VAL A 167 0.38 16.96 -3.32
CA VAL A 167 -0.77 16.20 -2.84
C VAL A 167 -1.59 17.06 -1.87
N GLN A 168 -2.74 17.51 -2.33
CA GLN A 168 -3.65 18.29 -1.52
C GLN A 168 -4.55 17.37 -0.67
N HIS A 169 -4.98 16.26 -1.25
CA HIS A 169 -5.85 15.30 -0.55
C HIS A 169 -5.35 13.85 -0.63
N GLY A 170 -5.45 13.13 0.48
CA GLY A 170 -5.11 11.72 0.53
C GLY A 170 -6.09 10.79 -0.20
N LYS A 171 -5.72 9.52 -0.22
CA LYS A 171 -6.57 8.45 -0.74
C LYS A 171 -7.91 8.47 0.02
N PRO A 172 -9.04 8.23 -0.65
CA PRO A 172 -9.22 7.74 -1.99
C PRO A 172 -9.20 8.81 -3.09
N ASP A 173 -8.80 10.05 -2.79
CA ASP A 173 -8.55 11.05 -3.83
C ASP A 173 -7.35 10.62 -4.67
N PRO A 174 -7.37 10.93 -5.98
CA PRO A 174 -6.36 10.44 -6.90
C PRO A 174 -4.99 11.16 -6.82
N ASP A 175 -4.94 12.25 -6.07
CA ASP A 175 -3.79 13.15 -6.03
C ASP A 175 -2.43 12.46 -5.91
N ILE A 176 -2.28 11.54 -4.97
CA ILE A 176 -1.00 10.88 -4.76
C ILE A 176 -0.49 10.19 -6.07
N PHE A 177 -1.38 9.56 -6.82
CA PHE A 177 -0.98 8.79 -7.99
C PHE A 177 -0.83 9.72 -9.19
N LEU A 178 -1.65 10.75 -9.28
CA LEU A 178 -1.46 11.79 -10.31
C LEU A 178 -0.08 12.45 -10.19
N ALA A 179 0.35 12.79 -8.97
CA ALA A 179 1.64 13.45 -8.72
C ALA A 179 2.78 12.49 -9.08
N CYS A 180 2.58 11.24 -8.76
CA CYS A 180 3.58 10.24 -8.99
C CYS A 180 3.80 10.06 -10.49
N ALA A 181 2.73 10.00 -11.28
CA ALA A 181 2.81 9.86 -12.75
C ALA A 181 3.44 11.06 -13.42
N LYS A 182 3.12 12.25 -12.91
CA LYS A 182 3.63 13.51 -13.46
C LYS A 182 5.09 13.77 -13.17
N ARG A 183 5.66 13.11 -12.15
CA ARG A 183 7.08 13.26 -11.81
CA ARG A 183 7.07 13.29 -11.82
C ARG A 183 7.99 12.49 -12.76
N PHE A 184 7.43 11.57 -13.56
CA PHE A 184 8.25 10.85 -14.57
C PHE A 184 8.72 11.84 -15.64
N SER A 185 9.93 11.67 -16.13
CA SER A 185 10.44 12.58 -17.16
C SER A 185 10.88 11.75 -18.35
N PRO A 186 10.14 11.80 -19.46
CA PRO A 186 8.89 12.54 -19.71
C PRO A 186 7.65 11.83 -19.16
N PRO A 187 6.63 12.62 -18.78
CA PRO A 187 5.47 12.07 -18.10
C PRO A 187 4.61 11.28 -19.07
N PRO A 188 4.04 10.16 -18.64
CA PRO A 188 3.09 9.47 -19.50
C PRO A 188 1.67 9.93 -19.36
N ALA A 189 0.83 9.55 -20.33
CA ALA A 189 -0.63 9.61 -20.15
C ALA A 189 -1.01 8.77 -18.93
N MET A 190 -1.88 9.28 -18.07
CA MET A 190 -2.35 8.55 -16.88
C MET A 190 -2.83 7.14 -17.24
N GLU A 191 -3.50 7.00 -18.38
CA GLU A 191 -4.01 5.74 -18.84
C GLU A 191 -2.89 4.73 -19.17
N LYS A 192 -1.65 5.17 -19.30
CA LYS A 192 -0.53 4.24 -19.54
C LYS A 192 0.15 3.81 -18.26
N CYS A 193 -0.44 4.15 -17.12
CA CYS A 193 0.12 3.80 -15.82
C CYS A 193 -0.65 2.69 -15.14
N LEU A 194 0.11 1.83 -14.48
CA LEU A 194 -0.43 0.67 -13.73
C LEU A 194 -0.05 0.80 -12.27
N VAL A 195 -1.07 0.87 -11.41
CA VAL A 195 -0.88 0.96 -9.99
C VAL A 195 -0.97 -0.44 -9.34
N PHE A 196 -0.15 -0.65 -8.31
CA PHE A 196 -0.19 -1.82 -7.42
C PHE A 196 -0.58 -1.39 -6.05
N GLU A 197 -1.66 -1.99 -5.55
CA GLU A 197 -2.22 -1.65 -4.22
C GLU A 197 -2.65 -2.85 -3.44
N ASP A 198 -2.76 -2.72 -2.13
CA ASP A 198 -3.38 -3.75 -1.28
C ASP A 198 -4.73 -3.33 -0.76
N ALA A 199 -5.05 -2.03 -0.79
CA ALA A 199 -6.18 -1.53 0.01
C ALA A 199 -7.25 -0.90 -0.86
N PRO A 200 -8.50 -1.03 -0.44
CA PRO A 200 -9.57 -0.41 -1.20
C PRO A 200 -9.45 1.12 -1.41
N ASN A 201 -8.90 1.87 -0.44
CA ASN A 201 -8.79 3.33 -0.65
C ASN A 201 -7.84 3.66 -1.85
N GLY A 202 -6.78 2.91 -2.01
CA GLY A 202 -5.86 3.06 -3.11
C GLY A 202 -6.37 2.57 -4.46
N VAL A 203 -7.17 1.51 -4.46
CA VAL A 203 -7.80 1.07 -5.69
C VAL A 203 -8.71 2.18 -6.18
N GLU A 204 -9.52 2.75 -5.31
CA GLU A 204 -10.43 3.81 -5.67
C GLU A 204 -9.68 5.06 -6.20
N ALA A 205 -8.59 5.43 -5.52
CA ALA A 205 -7.71 6.52 -5.95
C ALA A 205 -7.12 6.24 -7.32
N ALA A 206 -6.62 5.02 -7.55
CA ALA A 206 -6.04 4.70 -8.86
C ALA A 206 -7.06 4.81 -9.98
N LEU A 207 -8.26 4.29 -9.72
CA LEU A 207 -9.30 4.30 -10.71
C LEU A 207 -9.73 5.73 -10.95
N ALA A 208 -9.82 6.54 -9.89
CA ALA A 208 -10.23 7.92 -10.07
C ALA A 208 -9.14 8.71 -10.81
N ALA A 209 -7.89 8.26 -10.76
CA ALA A 209 -6.80 8.86 -11.53
C ALA A 209 -6.78 8.45 -13.02
N GLY A 210 -7.69 7.56 -13.46
CA GLY A 210 -7.74 7.04 -14.83
C GLY A 210 -6.76 5.92 -15.11
N MET A 211 -6.22 5.32 -14.07
CA MET A 211 -5.20 4.27 -14.20
C MET A 211 -5.78 2.86 -13.96
N GLN A 212 -5.12 1.83 -14.48
CA GLN A 212 -5.47 0.48 -14.13
C GLN A 212 -4.78 0.13 -12.82
N VAL A 213 -5.35 -0.84 -12.14
CA VAL A 213 -4.83 -1.20 -10.82
C VAL A 213 -4.80 -2.71 -10.59
N VAL A 214 -3.63 -3.19 -10.17
CA VAL A 214 -3.51 -4.54 -9.64
C VAL A 214 -3.65 -4.51 -8.11
N MET A 215 -4.60 -5.27 -7.59
CA MET A 215 -4.76 -5.33 -6.15
C MET A 215 -4.24 -6.65 -5.58
N VAL A 216 -3.46 -6.59 -4.50
CA VAL A 216 -3.04 -7.77 -3.77
C VAL A 216 -3.57 -7.67 -2.36
N PRO A 217 -4.85 -8.00 -2.18
CA PRO A 217 -5.44 -7.70 -0.87
C PRO A 217 -5.10 -8.73 0.21
N ASP A 218 -5.24 -8.34 1.46
CA ASP A 218 -5.19 -9.30 2.52
C ASP A 218 -6.25 -10.37 2.22
N GLY A 219 -5.89 -11.64 2.36
CA GLY A 219 -6.81 -12.76 2.22
C GLY A 219 -8.07 -12.76 3.08
N ASN A 220 -8.05 -12.02 4.20
CA ASN A 220 -9.25 -11.84 5.01
C ASN A 220 -10.16 -10.76 4.45
N LEU A 221 -9.72 -9.95 3.49
CA LEU A 221 -10.56 -8.84 3.05
C LEU A 221 -11.75 -9.45 2.30
N SER A 222 -12.96 -8.99 2.61
CA SER A 222 -14.17 -9.38 1.86
C SER A 222 -14.04 -9.10 0.37
N ARG A 223 -14.44 -10.09 -0.42
CA ARG A 223 -14.35 -10.08 -1.88
C ARG A 223 -15.16 -8.93 -2.51
N ASP A 224 -16.23 -8.52 -1.83
CA ASP A 224 -17.05 -7.34 -2.19
C ASP A 224 -16.25 -6.05 -2.23
N LEU A 225 -15.13 -6.00 -1.52
CA LEU A 225 -14.28 -4.81 -1.52
C LEU A 225 -13.17 -4.89 -2.54
N THR A 226 -13.16 -5.94 -3.36
CA THR A 226 -12.08 -6.11 -4.33
C THR A 226 -12.60 -6.05 -5.79
N THR A 227 -13.89 -5.81 -5.94
CA THR A 227 -14.57 -5.96 -7.22
C THR A 227 -14.22 -4.89 -8.26
N LYS A 228 -13.62 -3.78 -7.86
CA LYS A 228 -13.36 -2.71 -8.85
C LYS A 228 -11.99 -2.77 -9.49
N ALA A 229 -11.04 -3.46 -8.87
CA ALA A 229 -9.69 -3.51 -9.34
C ALA A 229 -9.63 -4.25 -10.67
N THR A 230 -8.75 -3.80 -11.56
CA THR A 230 -8.57 -4.40 -12.89
C THR A 230 -8.22 -5.87 -12.75
N LEU A 231 -7.31 -6.14 -11.82
CA LEU A 231 -6.83 -7.50 -11.55
C LEU A 231 -6.62 -7.67 -10.04
N VAL A 232 -7.08 -8.79 -9.49
CA VAL A 232 -6.90 -9.14 -8.07
C VAL A 232 -6.13 -10.45 -8.01
N LEU A 233 -5.05 -10.44 -7.27
CA LEU A 233 -4.14 -11.57 -7.06
C LEU A 233 -3.97 -11.90 -5.55
N ASN A 234 -3.68 -13.15 -5.29
CA ASN A 234 -3.36 -13.62 -3.98
C ASN A 234 -1.98 -13.11 -3.53
N SER A 235 -1.07 -12.92 -4.47
CA SER A 235 0.31 -12.56 -4.17
C SER A 235 0.91 -11.84 -5.36
N LEU A 236 1.89 -10.96 -5.12
CA LEU A 236 2.63 -10.36 -6.20
C LEU A 236 3.41 -11.40 -6.98
N GLN A 237 3.66 -12.57 -6.37
CA GLN A 237 4.32 -13.61 -7.09
C GLN A 237 3.47 -14.10 -8.27
N ASP A 238 2.15 -13.79 -8.32
CA ASP A 238 1.29 -14.34 -9.40
C ASP A 238 1.15 -13.33 -10.54
N PHE A 239 1.81 -12.19 -10.42
CA PHE A 239 1.67 -11.16 -11.40
C PHE A 239 2.37 -11.62 -12.68
N GLN A 240 1.64 -11.50 -13.79
CA GLN A 240 2.08 -11.87 -15.14
C GLN A 240 2.19 -10.60 -15.93
N PRO A 241 3.42 -10.10 -16.09
CA PRO A 241 3.55 -8.80 -16.76
C PRO A 241 3.07 -8.74 -18.20
N GLU A 242 3.06 -9.87 -18.89
CA GLU A 242 2.63 -9.90 -20.28
C GLU A 242 1.13 -9.63 -20.44
N LEU A 243 0.35 -9.75 -19.37
CA LEU A 243 -1.07 -9.36 -19.44
C LEU A 243 -1.25 -7.87 -19.66
N PHE A 244 -0.26 -7.07 -19.30
CA PHE A 244 -0.33 -5.63 -19.52
C PHE A 244 0.71 -5.18 -20.54
N GLY A 245 1.12 -6.07 -21.41
CA GLY A 245 1.99 -5.70 -22.53
C GLY A 245 3.46 -5.53 -22.13
N LEU A 246 3.84 -6.05 -20.96
CA LEU A 246 5.23 -6.00 -20.54
C LEU A 246 5.95 -7.31 -20.84
N PRO A 247 7.29 -7.29 -20.80
CA PRO A 247 7.98 -8.56 -21.10
C PRO A 247 7.70 -9.61 -20.02
N SER A 248 7.52 -10.86 -20.44
CA SER A 248 7.23 -11.94 -19.52
C SER A 248 8.51 -12.37 -18.86
N TYR A 249 8.37 -13.03 -17.73
CA TYR A 249 9.54 -13.49 -16.98
C TYR A 249 10.33 -14.47 -17.83
N GLU A 250 11.66 -14.42 -17.70
CA GLU A 250 12.54 -15.29 -18.52
C GLU A 250 12.29 -16.77 -18.21
K K B . -1.49 0.48 0.95
C1 GOL C . 16.64 6.33 -7.07
O1 GOL C . 17.92 6.10 -6.46
C2 GOL C . 16.90 6.45 -8.58
O2 GOL C . 16.71 5.21 -9.23
C3 GOL C . 16.17 7.62 -9.24
O3 GOL C . 15.66 8.54 -8.27
CL CL D . -6.48 -10.44 13.15
CL CL E . 2.89 8.64 8.72
CL CL F . -6.94 14.19 3.22
CL CL G . -2.25 9.90 10.71
#